data_7ERC
#
_entry.id   7ERC
#
_cell.length_a   81.880
_cell.length_b   117.503
_cell.length_c   41.765
_cell.angle_alpha   90.000
_cell.angle_beta   90.000
_cell.angle_gamma   90.000
#
_symmetry.space_group_name_H-M   'P 21 21 2'
#
loop_
_entity.id
_entity.type
_entity.pdbx_description
1 polymer 'Flavin reductase (NADPH)'
2 non-polymer 'NADP NICOTINAMIDE-ADENINE-DINUCLEOTIDE PHOSPHATE'
3 non-polymer '4-[3,5-bis(2-hydroxyphenyl)-1,2,4-triazol-1-yl]benzoic acid'
4 non-polymer 'SULFATE ION'
5 water water
#
_entity_poly.entity_id   1
_entity_poly.type   'polypeptide(L)'
_entity_poly.pdbx_seq_one_letter_code
;MAVKKIAIFGATGQTGLTTLAQAVQAGYEVTVLVRDSSRLPSEGPRPAHVVVGDVLQAADVDKTVAGQDAVIVLLGTRND
LSPTTVMSEGARNIVAAMKAHGVDKVVACTSAFLLWDPTKVPPRLQAVTDDHIRMHKVLRESGLKYVAVMPPHIGDQPLT
GAYTVTLDGRGPSRVISKHDLGHFMLRCLTTDEYDGHSTYPSHQYQ
;
_entity_poly.pdbx_strand_id   A,B
#
loop_
_chem_comp.id
_chem_comp.type
_chem_comp.name
_chem_comp.formula
JBL non-polymer '4-[3,5-bis(2-hydroxyphenyl)-1,2,4-triazol-1-yl]benzoic acid' 'C21 H15 N3 O4'
NAP non-polymer 'NADP NICOTINAMIDE-ADENINE-DINUCLEOTIDE PHOSPHATE' 'C21 H28 N7 O17 P3'
SO4 non-polymer 'SULFATE ION' 'O4 S -2'
#
# COMPACT_ATOMS: atom_id res chain seq x y z
N MET A 1 7.87 18.49 -29.50
CA MET A 1 7.70 17.56 -28.38
C MET A 1 6.91 18.18 -27.21
N ALA A 2 5.62 17.84 -27.14
CA ALA A 2 4.79 18.33 -26.03
C ALA A 2 5.25 17.77 -24.70
N VAL A 3 5.56 16.49 -24.62
CA VAL A 3 6.29 15.96 -23.48
C VAL A 3 7.74 15.95 -23.89
N LYS A 4 8.56 16.76 -23.21
CA LYS A 4 9.97 16.89 -23.55
C LYS A 4 10.87 16.58 -22.38
N LYS A 5 10.57 17.16 -21.20
CA LYS A 5 11.40 16.94 -20.01
C LYS A 5 10.80 15.79 -19.22
N ILE A 6 11.55 14.73 -19.04
CA ILE A 6 11.09 13.59 -18.26
C ILE A 6 12.09 13.22 -17.17
N ALA A 7 11.56 12.73 -16.04
CA ALA A 7 12.36 12.11 -15.00
C ALA A 7 12.28 10.61 -15.19
N ILE A 8 13.41 9.92 -15.15
CA ILE A 8 13.44 8.46 -15.13
C ILE A 8 14.01 8.03 -13.78
N PHE A 9 13.23 7.27 -13.03
CA PHE A 9 13.70 6.56 -11.85
C PHE A 9 14.06 5.13 -12.24
N GLY A 10 15.22 4.66 -11.74
CA GLY A 10 15.71 3.35 -12.15
C GLY A 10 16.42 3.34 -13.48
N ALA A 11 16.96 4.49 -13.90
CA ALA A 11 17.61 4.51 -15.22
C ALA A 11 18.85 3.63 -15.31
N THR A 12 19.51 3.29 -14.17
CA THR A 12 20.72 2.47 -14.27
C THR A 12 20.44 0.97 -14.33
N GLY A 13 19.17 0.60 -14.25
CA GLY A 13 18.74 -0.78 -14.21
C GLY A 13 18.68 -1.41 -15.60
N GLN A 14 18.28 -2.69 -15.63
CA GLN A 14 18.18 -3.44 -16.87
C GLN A 14 17.33 -2.73 -17.92
N THR A 15 16.09 -2.39 -17.55
CA THR A 15 15.21 -1.73 -18.47
C THR A 15 15.54 -0.25 -18.54
N GLY A 16 15.90 0.35 -17.41
CA GLY A 16 16.24 1.74 -17.40
C GLY A 16 17.29 2.19 -18.39
N LEU A 17 18.36 1.40 -18.56
CA LEU A 17 19.50 1.82 -19.37
C LEU A 17 19.08 1.97 -20.81
N THR A 18 18.24 1.04 -21.29
CA THR A 18 17.81 1.12 -22.69
C THR A 18 16.66 2.11 -22.85
N THR A 19 15.85 2.31 -21.80
CA THR A 19 14.86 3.38 -21.83
C THR A 19 15.55 4.73 -21.95
N LEU A 20 16.59 4.94 -21.12
CA LEU A 20 17.38 6.16 -21.18
C LEU A 20 17.99 6.39 -22.56
N ALA A 21 18.66 5.36 -23.09
CA ALA A 21 19.27 5.48 -24.42
C ALA A 21 18.23 5.84 -25.47
N GLN A 22 17.05 5.17 -25.43
CA GLN A 22 16.06 5.45 -26.43
C GLN A 22 15.46 6.82 -26.24
N ALA A 23 15.27 7.24 -24.98
CA ALA A 23 14.74 8.59 -24.73
C ALA A 23 15.68 9.66 -25.26
N VAL A 24 16.98 9.52 -25.00
CA VAL A 24 17.92 10.54 -25.46
C VAL A 24 17.95 10.56 -26.99
N GLN A 25 17.93 9.39 -27.62
CA GLN A 25 17.91 9.35 -29.09
C GLN A 25 16.64 10.00 -29.65
N ALA A 26 15.51 9.82 -28.97
CA ALA A 26 14.25 10.41 -29.43
C ALA A 26 14.15 11.91 -29.14
N GLY A 27 15.13 12.51 -28.47
CA GLY A 27 15.10 13.94 -28.26
C GLY A 27 14.60 14.39 -26.90
N TYR A 28 14.32 13.47 -25.99
CA TYR A 28 13.90 13.87 -24.64
C TYR A 28 15.05 14.52 -23.89
N GLU A 29 14.68 15.47 -23.03
CA GLU A 29 15.58 16.10 -22.06
C GLU A 29 15.39 15.33 -20.76
N VAL A 30 16.30 14.41 -20.46
CA VAL A 30 16.11 13.39 -19.41
C VAL A 30 16.83 13.80 -18.14
N THR A 31 16.10 13.77 -17.01
CA THR A 31 16.69 13.85 -15.68
C THR A 31 16.63 12.50 -15.02
N VAL A 32 17.75 12.05 -14.42
CA VAL A 32 17.78 10.76 -13.75
C VAL A 32 18.11 10.98 -12.29
N LEU A 33 17.57 10.12 -11.42
CA LEU A 33 18.01 9.99 -10.03
C LEU A 33 18.84 8.73 -9.94
N VAL A 34 20.11 8.86 -9.54
CA VAL A 34 21.02 7.70 -9.43
C VAL A 34 21.56 7.69 -8.00
N ARG A 35 21.74 6.46 -7.47
CA ARG A 35 22.40 6.33 -6.16
C ARG A 35 23.89 6.56 -6.30
N ASP A 36 24.49 7.10 -5.24
CA ASP A 36 25.86 7.63 -5.33
C ASP A 36 26.84 6.56 -5.77
N SER A 37 26.63 5.33 -5.32
CA SER A 37 27.62 4.32 -5.65
C SER A 37 27.41 3.74 -7.04
N SER A 38 26.32 4.13 -7.72
CA SER A 38 25.91 3.48 -8.98
C SER A 38 25.49 4.56 -9.98
N ARG A 39 26.49 5.21 -10.56
CA ARG A 39 26.28 6.14 -11.65
C ARG A 39 26.12 5.41 -12.99
N LEU A 40 25.63 6.17 -13.97
CA LEU A 40 25.54 5.71 -15.35
C LEU A 40 26.92 5.38 -15.92
N PRO A 41 27.00 4.41 -16.85
CA PRO A 41 28.28 4.07 -17.46
C PRO A 41 28.85 5.20 -18.31
N SER A 42 30.18 5.30 -18.28
CA SER A 42 30.87 6.45 -18.84
C SER A 42 30.66 6.57 -20.34
N GLU A 43 30.62 5.43 -21.04
CA GLU A 43 30.53 5.45 -22.49
C GLU A 43 29.11 5.68 -23.00
N GLY A 44 28.10 5.28 -22.21
CA GLY A 44 26.75 5.25 -22.70
C GLY A 44 26.17 6.63 -22.94
N PRO A 45 24.91 6.68 -23.39
CA PRO A 45 24.25 7.97 -23.62
C PRO A 45 24.18 8.76 -22.32
N ARG A 46 24.21 10.08 -22.46
CA ARG A 46 24.22 10.91 -21.27
C ARG A 46 22.89 11.63 -21.12
N PRO A 47 22.30 11.56 -19.95
CA PRO A 47 21.09 12.33 -19.69
C PRO A 47 21.43 13.82 -19.61
N ALA A 48 20.39 14.64 -19.70
CA ALA A 48 20.58 16.08 -19.59
C ALA A 48 20.92 16.53 -18.17
N HIS A 49 20.43 15.81 -17.16
CA HIS A 49 20.52 16.23 -15.77
C HIS A 49 20.64 15.00 -14.91
N VAL A 50 21.56 15.03 -13.95
CA VAL A 50 21.74 13.94 -13.01
C VAL A 50 21.51 14.46 -11.59
N VAL A 51 20.66 13.78 -10.84
CA VAL A 51 20.53 13.96 -9.41
C VAL A 51 21.09 12.73 -8.74
N VAL A 52 22.00 12.94 -7.79
CA VAL A 52 22.59 11.82 -7.05
C VAL A 52 21.90 11.80 -5.68
N GLY A 53 21.28 10.67 -5.37
CA GLY A 53 20.54 10.59 -4.11
C GLY A 53 19.79 9.30 -4.07
N ASP A 54 18.67 9.31 -3.37
CA ASP A 54 17.95 8.07 -3.08
C ASP A 54 16.46 8.29 -3.20
N VAL A 55 15.76 7.34 -3.82
CA VAL A 55 14.31 7.50 -3.96
C VAL A 55 13.62 7.49 -2.61
N LEU A 56 14.32 7.01 -1.58
CA LEU A 56 13.77 7.00 -0.23
C LEU A 56 13.88 8.36 0.45
N GLN A 57 14.50 9.35 -0.16
CA GLN A 57 14.54 10.71 0.38
C GLN A 57 13.61 11.58 -0.43
N ALA A 58 12.59 12.12 0.22
CA ALA A 58 11.68 13.07 -0.42
C ALA A 58 12.43 14.22 -1.09
N ALA A 59 13.48 14.74 -0.45
CA ALA A 59 14.14 15.89 -1.05
C ALA A 59 14.80 15.51 -2.36
N ASP A 60 15.37 14.30 -2.43
CA ASP A 60 16.02 13.90 -3.69
C ASP A 60 14.99 13.65 -4.78
N VAL A 61 13.84 13.05 -4.43
CA VAL A 61 12.78 12.86 -5.42
C VAL A 61 12.23 14.20 -5.89
N ASP A 62 12.05 15.14 -4.97
CA ASP A 62 11.56 16.46 -5.34
C ASP A 62 12.50 17.15 -6.30
N LYS A 63 13.81 17.05 -6.07
CA LYS A 63 14.78 17.64 -7.00
C LYS A 63 14.69 17.03 -8.39
N THR A 64 14.37 15.74 -8.46
CA THR A 64 14.32 14.99 -9.73
C THR A 64 13.03 15.29 -10.49
N VAL A 65 11.91 15.45 -9.78
CA VAL A 65 10.60 15.66 -10.43
C VAL A 65 10.37 17.14 -10.78
N ALA A 66 11.00 18.09 -10.05
CA ALA A 66 10.75 19.50 -10.31
C ALA A 66 10.96 19.81 -11.79
N GLY A 67 9.98 20.51 -12.39
CA GLY A 67 10.11 21.02 -13.74
C GLY A 67 9.93 20.00 -14.85
N GLN A 68 9.56 18.76 -14.54
CA GLN A 68 9.35 17.76 -15.57
C GLN A 68 7.96 17.82 -16.17
N ASP A 69 7.85 17.23 -17.36
CA ASP A 69 6.54 16.99 -17.97
C ASP A 69 5.90 15.68 -17.61
N ALA A 70 6.71 14.68 -17.23
CA ALA A 70 6.21 13.34 -17.01
C ALA A 70 7.29 12.57 -16.30
N VAL A 71 6.89 11.45 -15.68
CA VAL A 71 7.79 10.58 -14.89
C VAL A 71 7.67 9.14 -15.40
N ILE A 72 8.81 8.47 -15.57
CA ILE A 72 8.87 7.03 -15.82
C ILE A 72 9.49 6.37 -14.61
N VAL A 73 8.88 5.27 -14.15
CA VAL A 73 9.34 4.58 -12.92
C VAL A 73 9.70 3.16 -13.30
N LEU A 74 11.01 2.83 -13.19
CA LEU A 74 11.62 1.54 -13.44
C LEU A 74 12.47 1.15 -12.25
N LEU A 75 11.98 1.46 -11.06
CA LEU A 75 12.65 1.04 -9.82
C LEU A 75 12.53 -0.47 -9.66
N GLY A 76 13.45 -1.05 -8.91
CA GLY A 76 13.45 -2.49 -8.67
C GLY A 76 14.63 -2.82 -7.77
N THR A 77 14.81 -4.11 -7.54
CA THR A 77 15.77 -4.57 -6.52
C THR A 77 16.84 -5.47 -7.14
N ARG A 78 17.03 -5.38 -8.46
CA ARG A 78 17.97 -6.22 -9.26
C ARG A 78 17.70 -7.70 -8.98
N ASN A 79 18.69 -8.52 -8.64
CA ASN A 79 18.35 -9.92 -8.42
C ASN A 79 17.81 -10.21 -7.00
N ASP A 80 17.56 -9.18 -6.17
CA ASP A 80 17.33 -9.42 -4.75
C ASP A 80 15.84 -9.68 -4.51
N LEU A 81 15.52 -10.86 -3.94
CA LEU A 81 14.12 -11.19 -3.72
C LEU A 81 13.68 -10.95 -2.29
N SER A 82 14.52 -10.30 -1.46
CA SER A 82 14.17 -10.05 -0.08
C SER A 82 12.94 -9.12 0.06
N PRO A 83 12.23 -9.22 1.21
CA PRO A 83 11.21 -8.19 1.52
C PRO A 83 11.74 -6.78 1.38
N THR A 84 10.89 -5.87 0.88
CA THR A 84 11.37 -4.53 0.62
C THR A 84 10.16 -3.63 0.59
N THR A 85 10.41 -2.37 0.85
CA THR A 85 9.43 -1.32 0.55
C THR A 85 10.04 -0.22 -0.30
N VAL A 86 11.15 -0.49 -1.00
CA VAL A 86 11.80 0.61 -1.72
C VAL A 86 10.92 1.12 -2.85
N MET A 87 10.14 0.24 -3.51
CA MET A 87 9.32 0.66 -4.64
C MET A 87 8.05 1.38 -4.19
N SER A 88 7.41 0.88 -3.12
CA SER A 88 6.20 1.54 -2.65
C SER A 88 6.51 2.85 -1.96
N GLU A 89 7.57 2.89 -1.15
CA GLU A 89 7.95 4.16 -0.50
C GLU A 89 8.45 5.16 -1.53
N GLY A 90 9.24 4.68 -2.50
CA GLY A 90 9.65 5.58 -3.54
C GLY A 90 8.48 6.12 -4.31
N ALA A 91 7.49 5.26 -4.63
CA ALA A 91 6.30 5.77 -5.31
C ALA A 91 5.55 6.83 -4.46
N ARG A 92 5.45 6.62 -3.14
CA ARG A 92 4.83 7.66 -2.32
C ARG A 92 5.56 9.00 -2.47
N ASN A 93 6.91 8.97 -2.45
CA ASN A 93 7.65 10.23 -2.62
C ASN A 93 7.43 10.82 -4.00
N ILE A 94 7.42 9.95 -5.02
CA ILE A 94 7.17 10.42 -6.39
C ILE A 94 5.78 11.07 -6.50
N VAL A 95 4.74 10.45 -5.94
CA VAL A 95 3.40 11.03 -6.02
C VAL A 95 3.40 12.40 -5.39
N ALA A 96 3.94 12.51 -4.17
CA ALA A 96 3.91 13.80 -3.48
C ALA A 96 4.63 14.87 -4.28
N ALA A 97 5.78 14.50 -4.84
CA ALA A 97 6.57 15.48 -5.62
C ALA A 97 5.83 15.90 -6.89
N MET A 98 5.23 14.91 -7.57
CA MET A 98 4.42 15.23 -8.76
C MET A 98 3.28 16.19 -8.44
N LYS A 99 2.59 15.95 -7.31
CA LYS A 99 1.50 16.83 -6.94
C LYS A 99 2.01 18.22 -6.63
N ALA A 100 3.15 18.31 -5.93
CA ALA A 100 3.67 19.63 -5.59
C ALA A 100 4.18 20.43 -6.80
N HIS A 101 4.60 19.71 -7.87
CA HIS A 101 5.25 20.34 -9.02
C HIS A 101 4.35 20.36 -10.24
N GLY A 102 3.10 19.96 -10.08
CA GLY A 102 2.21 20.05 -11.23
C GLY A 102 2.46 19.05 -12.33
N VAL A 103 3.04 17.90 -11.99
CA VAL A 103 3.23 16.82 -12.96
C VAL A 103 2.10 15.82 -12.79
N ASP A 104 1.47 15.44 -13.90
CA ASP A 104 0.30 14.55 -13.87
C ASP A 104 0.62 13.16 -14.37
N LYS A 105 1.49 13.02 -15.38
CA LYS A 105 1.68 11.75 -16.09
C LYS A 105 2.75 10.92 -15.42
N VAL A 106 2.41 9.68 -15.02
CA VAL A 106 3.39 8.75 -14.45
C VAL A 106 3.19 7.39 -15.07
N VAL A 107 4.24 6.87 -15.68
CA VAL A 107 4.20 5.57 -16.31
C VAL A 107 5.10 4.68 -15.45
N ALA A 108 4.57 3.65 -14.81
CA ALA A 108 5.36 3.00 -13.77
C ALA A 108 5.26 1.49 -13.89
N CYS A 109 6.36 0.82 -13.74
CA CYS A 109 6.43 -0.61 -13.95
C CYS A 109 6.27 -1.38 -12.66
N THR A 110 5.33 -2.30 -12.62
CA THR A 110 5.29 -3.25 -11.52
C THR A 110 5.53 -4.63 -12.14
N SER A 111 4.49 -5.46 -12.29
CA SER A 111 4.70 -6.80 -12.78
C SER A 111 3.36 -7.42 -13.16
N ALA A 112 3.36 -8.27 -14.20
CA ALA A 112 2.16 -9.01 -14.55
C ALA A 112 1.66 -9.92 -13.43
N PHE A 113 2.45 -10.21 -12.37
CA PHE A 113 1.90 -10.98 -11.25
C PHE A 113 0.73 -10.26 -10.61
N LEU A 114 0.61 -8.95 -10.80
CA LEU A 114 -0.55 -8.29 -10.22
C LEU A 114 -1.84 -8.68 -10.94
N LEU A 115 -1.74 -9.35 -12.10
CA LEU A 115 -2.90 -9.84 -12.81
C LEU A 115 -3.13 -11.32 -12.57
N TRP A 116 -2.30 -11.97 -11.74
CA TRP A 116 -2.46 -13.39 -11.47
C TRP A 116 -3.42 -13.65 -10.33
N ASP A 117 -3.94 -14.86 -10.31
CA ASP A 117 -4.48 -15.40 -9.06
C ASP A 117 -3.36 -15.37 -8.02
N PRO A 118 -3.55 -14.73 -6.85
CA PRO A 118 -2.43 -14.65 -5.90
C PRO A 118 -1.90 -15.99 -5.42
N THR A 119 -2.74 -17.01 -5.30
CA THR A 119 -2.22 -18.28 -4.82
C THR A 119 -1.24 -18.90 -5.81
N LYS A 120 -1.14 -18.34 -7.01
CA LYS A 120 -0.32 -18.92 -8.06
C LYS A 120 1.02 -18.23 -8.25
N VAL A 121 1.23 -17.08 -7.61
CA VAL A 121 2.52 -16.38 -7.67
C VAL A 121 3.62 -17.25 -7.04
N PRO A 122 4.74 -17.48 -7.69
CA PRO A 122 5.83 -18.28 -7.08
C PRO A 122 6.17 -17.73 -5.70
N PRO A 123 6.21 -18.56 -4.66
CA PRO A 123 6.63 -18.05 -3.34
C PRO A 123 7.92 -17.24 -3.37
N ARG A 124 8.91 -17.62 -4.18
CA ARG A 124 10.17 -16.88 -4.16
C ARG A 124 10.00 -15.44 -4.56
N LEU A 125 8.96 -15.12 -5.31
CA LEU A 125 8.72 -13.77 -5.82
C LEU A 125 7.64 -13.07 -5.04
N GLN A 126 7.12 -13.66 -3.96
CA GLN A 126 5.97 -13.04 -3.30
CA GLN A 126 5.99 -13.05 -3.27
C GLN A 126 6.36 -11.77 -2.54
N ALA A 127 7.56 -11.71 -1.94
CA ALA A 127 7.92 -10.50 -1.20
C ALA A 127 8.08 -9.31 -2.14
N VAL A 128 8.69 -9.49 -3.30
CA VAL A 128 8.81 -8.40 -4.27
C VAL A 128 7.46 -8.03 -4.83
N THR A 129 6.64 -9.04 -5.14
CA THR A 129 5.28 -8.79 -5.60
C THR A 129 4.45 -8.03 -4.57
N ASP A 130 4.61 -8.34 -3.27
CA ASP A 130 3.91 -7.57 -2.22
C ASP A 130 4.23 -6.09 -2.31
N ASP A 131 5.50 -5.72 -2.58
CA ASP A 131 5.79 -4.31 -2.70
C ASP A 131 5.30 -3.72 -4.01
N HIS A 132 5.30 -4.50 -5.12
CA HIS A 132 4.63 -4.02 -6.32
C HIS A 132 3.15 -3.72 -6.07
N ILE A 133 2.47 -4.60 -5.32
CA ILE A 133 1.07 -4.38 -4.97
C ILE A 133 0.92 -3.10 -4.16
N ARG A 134 1.83 -2.88 -3.22
CA ARG A 134 1.75 -1.66 -2.43
C ARG A 134 1.98 -0.46 -3.32
N MET A 135 2.96 -0.55 -4.25
CA MET A 135 3.28 0.55 -5.15
C MET A 135 2.09 0.87 -6.05
N HIS A 136 1.49 -0.17 -6.64
CA HIS A 136 0.34 0.01 -7.51
C HIS A 136 -0.79 0.72 -6.77
N LYS A 137 -1.08 0.33 -5.50
CA LYS A 137 -2.15 1.02 -4.77
C LYS A 137 -1.84 2.49 -4.55
N VAL A 138 -0.60 2.80 -4.18
CA VAL A 138 -0.19 4.19 -4.01
C VAL A 138 -0.45 5.00 -5.28
N LEU A 139 -0.03 4.45 -6.43
CA LEU A 139 -0.19 5.18 -7.67
C LEU A 139 -1.65 5.26 -8.13
N ARG A 140 -2.41 4.18 -7.93
CA ARG A 140 -3.82 4.15 -8.36
C ARG A 140 -4.62 5.13 -7.54
N GLU A 141 -4.29 5.27 -6.24
CA GLU A 141 -5.06 6.14 -5.36
C GLU A 141 -4.64 7.61 -5.44
N SER A 142 -3.55 7.92 -6.14
CA SER A 142 -3.00 9.27 -6.25
C SER A 142 -3.91 10.21 -7.03
N GLY A 143 -4.71 9.68 -7.93
CA GLY A 143 -5.47 10.55 -8.80
C GLY A 143 -4.69 11.05 -9.99
N LEU A 144 -3.39 10.76 -10.07
CA LEU A 144 -2.55 11.17 -11.19
C LEU A 144 -2.95 10.40 -12.42
N LYS A 145 -2.43 10.85 -13.60
CA LYS A 145 -2.62 10.09 -14.84
C LYS A 145 -1.59 8.97 -14.89
N TYR A 146 -1.98 7.81 -14.42
CA TYR A 146 -1.08 6.73 -14.10
C TYR A 146 -1.28 5.58 -15.08
N VAL A 147 -0.23 5.22 -15.82
CA VAL A 147 -0.24 4.00 -16.65
C VAL A 147 0.48 2.92 -15.87
N ALA A 148 -0.24 1.87 -15.54
CA ALA A 148 0.30 0.73 -14.79
C ALA A 148 0.85 -0.27 -15.77
N VAL A 149 2.16 -0.31 -15.95
CA VAL A 149 2.80 -1.24 -16.86
C VAL A 149 3.15 -2.50 -16.04
N MET A 150 2.67 -3.65 -16.49
CA MET A 150 2.70 -4.91 -15.76
C MET A 150 3.27 -5.97 -16.68
N PRO A 151 4.60 -5.99 -16.84
CA PRO A 151 5.22 -6.92 -17.84
C PRO A 151 5.38 -8.32 -17.30
N PRO A 152 5.47 -9.30 -18.17
CA PRO A 152 5.88 -10.66 -17.83
C PRO A 152 7.40 -10.73 -17.82
N HIS A 153 8.00 -11.85 -18.15
CA HIS A 153 9.46 -11.96 -18.08
C HIS A 153 10.12 -10.89 -18.94
N ILE A 154 11.12 -10.19 -18.39
CA ILE A 154 11.92 -9.22 -19.15
C ILE A 154 13.15 -9.91 -19.71
N GLY A 155 13.25 -9.95 -21.05
CA GLY A 155 14.37 -10.61 -21.69
C GLY A 155 15.31 -9.65 -22.40
N ASP A 156 16.29 -10.24 -23.11
CA ASP A 156 17.35 -9.54 -23.81
CA ASP A 156 17.20 -9.32 -23.81
C ASP A 156 17.17 -9.52 -25.32
N GLN A 157 15.97 -9.86 -25.81
CA GLN A 157 15.72 -9.92 -27.24
C GLN A 157 15.70 -8.48 -27.76
N PRO A 158 15.58 -8.28 -29.08
CA PRO A 158 15.76 -6.92 -29.65
C PRO A 158 14.63 -5.96 -29.37
N LEU A 159 14.93 -4.69 -29.66
CA LEU A 159 13.90 -3.68 -29.86
C LEU A 159 13.18 -4.01 -31.16
N THR A 160 11.86 -4.12 -31.08
CA THR A 160 11.04 -4.36 -32.27
C THR A 160 10.00 -3.28 -32.54
N GLY A 161 9.48 -2.65 -31.49
CA GLY A 161 8.30 -1.82 -31.67
C GLY A 161 7.07 -2.55 -32.16
N ALA A 162 7.06 -3.89 -32.17
CA ALA A 162 6.03 -4.68 -32.82
C ALA A 162 5.24 -5.50 -31.79
N TYR A 163 5.50 -5.23 -30.49
CA TYR A 163 4.91 -6.02 -29.43
C TYR A 163 3.40 -5.75 -29.28
N THR A 164 2.73 -6.69 -28.59
CA THR A 164 1.30 -6.57 -28.26
C THR A 164 1.17 -5.80 -26.93
N VAL A 165 0.14 -4.93 -26.84
CA VAL A 165 -0.17 -4.28 -25.57
C VAL A 165 -1.55 -4.77 -25.19
N THR A 166 -1.63 -5.53 -24.11
CA THR A 166 -2.93 -6.07 -23.65
C THR A 166 -3.45 -5.23 -22.51
N LEU A 167 -4.70 -4.75 -22.61
CA LEU A 167 -5.26 -3.87 -21.59
C LEU A 167 -6.01 -4.70 -20.55
N ASP A 168 -5.67 -4.45 -19.28
CA ASP A 168 -6.44 -4.93 -18.13
C ASP A 168 -6.59 -6.44 -18.13
N GLY A 169 -5.51 -7.14 -18.50
CA GLY A 169 -5.49 -8.59 -18.50
C GLY A 169 -4.14 -9.08 -19.02
N ARG A 170 -3.91 -10.38 -18.82
CA ARG A 170 -2.69 -10.99 -19.32
C ARG A 170 -2.76 -11.10 -20.83
N GLY A 171 -1.60 -10.96 -21.47
CA GLY A 171 -1.50 -11.06 -22.92
C GLY A 171 -1.13 -12.43 -23.43
N PRO A 172 -0.93 -12.55 -24.76
CA PRO A 172 -0.76 -13.86 -25.38
C PRO A 172 0.66 -14.42 -25.37
N SER A 173 1.67 -13.66 -24.95
CA SER A 173 3.04 -14.17 -24.82
C SER A 173 3.51 -13.90 -23.41
N ARG A 174 4.56 -14.61 -23.03
CA ARG A 174 5.04 -14.57 -21.65
C ARG A 174 6.36 -13.81 -21.50
N VAL A 175 6.79 -13.07 -22.52
CA VAL A 175 8.06 -12.34 -22.46
C VAL A 175 7.89 -11.00 -23.13
N ILE A 176 8.67 -10.03 -22.70
CA ILE A 176 8.87 -8.75 -23.39
C ILE A 176 10.35 -8.41 -23.29
N SER A 177 10.95 -7.97 -24.41
CA SER A 177 12.36 -7.62 -24.26
C SER A 177 12.49 -6.34 -23.45
N LYS A 178 13.64 -6.23 -22.75
CA LYS A 178 13.86 -4.98 -22.03
C LYS A 178 13.80 -3.75 -22.94
N HIS A 179 14.25 -3.90 -24.19
CA HIS A 179 14.23 -2.76 -25.12
C HIS A 179 12.80 -2.43 -25.52
N ASP A 180 11.99 -3.44 -25.85
CA ASP A 180 10.58 -3.17 -26.13
C ASP A 180 9.85 -2.65 -24.92
N LEU A 181 10.19 -3.12 -23.72
CA LEU A 181 9.50 -2.57 -22.52
C LEU A 181 9.80 -1.07 -22.41
N GLY A 182 11.06 -0.68 -22.56
CA GLY A 182 11.39 0.74 -22.51
C GLY A 182 10.75 1.53 -23.62
N HIS A 183 10.72 0.97 -24.84
CA HIS A 183 10.00 1.61 -25.92
C HIS A 183 8.54 1.87 -25.56
N PHE A 184 7.89 0.89 -24.92
CA PHE A 184 6.49 1.05 -24.53
C PHE A 184 6.36 2.11 -23.43
N MET A 185 7.26 2.12 -22.44
CA MET A 185 7.21 3.19 -21.42
C MET A 185 7.21 4.57 -22.06
N LEU A 186 8.07 4.76 -23.08
CA LEU A 186 8.15 6.02 -23.78
C LEU A 186 6.89 6.27 -24.62
N ARG A 187 6.34 5.21 -25.25
CA ARG A 187 5.12 5.42 -26.02
C ARG A 187 3.98 5.94 -25.17
N CYS A 188 3.94 5.49 -23.91
CA CYS A 188 2.87 5.91 -23.01
C CYS A 188 2.93 7.40 -22.75
N LEU A 189 4.05 8.07 -23.02
CA LEU A 189 4.13 9.51 -22.83
C LEU A 189 3.38 10.30 -23.89
N THR A 190 3.12 9.71 -25.05
CA THR A 190 2.61 10.40 -26.23
C THR A 190 1.13 10.11 -26.48
N THR A 191 0.49 9.36 -25.58
CA THR A 191 -0.94 9.12 -25.69
C THR A 191 -1.60 9.10 -24.31
N ASP A 192 -2.90 9.40 -24.30
CA ASP A 192 -3.64 9.21 -23.08
C ASP A 192 -4.40 7.91 -23.05
N GLU A 193 -4.24 7.04 -24.05
CA GLU A 193 -5.16 5.90 -24.16
C GLU A 193 -4.94 4.84 -23.11
N TYR A 194 -3.78 4.83 -22.44
CA TYR A 194 -3.55 3.83 -21.42
C TYR A 194 -3.72 4.38 -20.02
N ASP A 195 -4.03 5.68 -19.86
CA ASP A 195 -4.16 6.24 -18.51
C ASP A 195 -5.29 5.57 -17.75
N GLY A 196 -5.01 5.17 -16.49
CA GLY A 196 -5.99 4.48 -15.65
C GLY A 196 -6.17 3.02 -16.01
N HIS A 197 -5.36 2.47 -16.90
CA HIS A 197 -5.42 1.07 -17.27
C HIS A 197 -4.20 0.34 -16.77
N SER A 198 -4.33 -0.98 -16.63
CA SER A 198 -3.14 -1.81 -16.57
C SER A 198 -2.78 -2.26 -17.97
N THR A 199 -1.49 -2.36 -18.25
CA THR A 199 -1.04 -2.70 -19.59
C THR A 199 -0.03 -3.83 -19.49
N TYR A 200 -0.17 -4.83 -20.34
CA TYR A 200 0.74 -5.97 -20.32
C TYR A 200 1.38 -6.05 -21.69
N PRO A 201 2.61 -5.59 -21.84
CA PRO A 201 3.29 -5.69 -23.14
C PRO A 201 3.96 -7.05 -23.28
N SER A 202 3.87 -7.63 -24.48
CA SER A 202 4.48 -8.94 -24.65
C SER A 202 4.68 -9.21 -26.12
N HIS A 203 5.58 -10.16 -26.42
CA HIS A 203 5.92 -10.38 -27.81
C HIS A 203 6.50 -11.76 -28.00
N GLN A 204 6.45 -12.20 -29.25
CA GLN A 204 7.10 -13.41 -29.69
C GLN A 204 8.25 -13.01 -30.61
N TYR A 205 9.49 -13.28 -30.17
CA TYR A 205 10.67 -12.84 -30.89
C TYR A 205 11.10 -13.91 -31.86
N GLN A 206 11.06 -13.58 -33.16
CA GLN A 206 11.30 -14.59 -34.18
C GLN A 206 11.70 -13.89 -35.48
N MET B 1 -25.79 -11.14 24.98
CA MET B 1 -24.87 -10.46 24.08
C MET B 1 -25.65 -9.50 23.17
N ALA B 2 -25.49 -8.19 23.41
CA ALA B 2 -26.19 -7.18 22.62
C ALA B 2 -25.35 -5.90 22.62
N VAL B 3 -24.45 -5.79 21.64
CA VAL B 3 -23.61 -4.62 21.48
C VAL B 3 -24.40 -3.55 20.72
N LYS B 4 -24.62 -2.38 21.34
CA LYS B 4 -25.25 -1.27 20.62
C LYS B 4 -24.33 -0.07 20.51
N LYS B 5 -23.58 0.25 21.57
CA LYS B 5 -22.66 1.36 21.62
C LYS B 5 -21.22 0.88 21.45
N ILE B 6 -20.53 1.46 20.49
CA ILE B 6 -19.13 1.11 20.28
C ILE B 6 -18.33 2.38 20.18
N ALA B 7 -17.11 2.29 20.69
CA ALA B 7 -16.05 3.22 20.33
C ALA B 7 -15.20 2.67 19.19
N ILE B 8 -14.86 3.54 18.25
CA ILE B 8 -13.86 3.25 17.22
C ILE B 8 -12.67 4.18 17.39
N PHE B 9 -11.48 3.60 17.53
CA PHE B 9 -10.21 4.32 17.51
C PHE B 9 -9.59 4.15 16.13
N GLY B 10 -9.08 5.24 15.55
CA GLY B 10 -8.59 5.16 14.17
C GLY B 10 -9.68 5.29 13.13
N ALA B 11 -10.75 6.00 13.45
CA ALA B 11 -11.89 6.06 12.52
C ALA B 11 -11.61 6.93 11.30
N THR B 12 -10.55 7.77 11.32
CA THR B 12 -10.25 8.61 10.17
C THR B 12 -9.32 7.94 9.17
N GLY B 13 -8.85 6.73 9.50
CA GLY B 13 -7.95 6.02 8.63
C GLY B 13 -8.69 5.39 7.47
N GLN B 14 -7.95 4.70 6.58
CA GLN B 14 -8.66 4.15 5.42
C GLN B 14 -9.65 3.05 5.82
N THR B 15 -9.28 2.16 6.75
CA THR B 15 -10.21 1.12 7.24
C THR B 15 -11.19 1.72 8.21
N GLY B 16 -10.75 2.65 9.04
CA GLY B 16 -11.65 3.26 10.00
C GLY B 16 -12.83 3.95 9.34
N LEU B 17 -12.59 4.70 8.26
CA LEU B 17 -13.68 5.44 7.61
C LEU B 17 -14.77 4.51 7.11
N THR B 18 -14.40 3.40 6.46
CA THR B 18 -15.46 2.52 5.97
C THR B 18 -16.07 1.70 7.10
N THR B 19 -15.28 1.29 8.11
CA THR B 19 -15.88 0.64 9.29
C THR B 19 -16.88 1.57 9.99
N LEU B 20 -16.52 2.84 10.14
CA LEU B 20 -17.45 3.81 10.71
C LEU B 20 -18.72 3.91 9.88
N ALA B 21 -18.59 4.04 8.56
CA ALA B 21 -19.77 4.18 7.71
C ALA B 21 -20.68 2.97 7.84
N GLN B 22 -20.08 1.76 7.83
CA GLN B 22 -20.90 0.55 7.89
C GLN B 22 -21.58 0.40 9.23
N ALA B 23 -20.86 0.71 10.31
CA ALA B 23 -21.41 0.64 11.64
C ALA B 23 -22.59 1.57 11.75
N VAL B 24 -22.44 2.80 11.25
CA VAL B 24 -23.54 3.75 11.34
C VAL B 24 -24.75 3.23 10.55
N GLN B 25 -24.51 2.72 9.33
CA GLN B 25 -25.63 2.23 8.52
C GLN B 25 -26.32 1.06 9.20
N ALA B 26 -25.57 0.24 9.96
CA ALA B 26 -26.17 -0.93 10.61
C ALA B 26 -26.94 -0.57 11.88
N GLY B 27 -26.76 0.64 12.40
CA GLY B 27 -27.52 1.05 13.57
C GLY B 27 -26.70 1.18 14.81
N TYR B 28 -25.39 0.93 14.78
CA TYR B 28 -24.62 1.14 16.00
C TYR B 28 -24.62 2.62 16.37
N GLU B 29 -24.60 2.88 17.68
CA GLU B 29 -24.35 4.22 18.19
C GLU B 29 -22.83 4.31 18.37
N VAL B 30 -22.16 5.03 17.46
CA VAL B 30 -20.70 5.01 17.37
C VAL B 30 -20.12 6.27 18.00
N THR B 31 -19.16 6.11 18.90
CA THR B 31 -18.29 7.18 19.39
C THR B 31 -16.91 7.04 18.76
N VAL B 32 -16.37 8.14 18.21
CA VAL B 32 -14.97 8.12 17.74
C VAL B 32 -14.10 9.07 18.52
N LEU B 33 -12.82 8.70 18.58
CA LEU B 33 -11.76 9.56 19.10
C LEU B 33 -10.96 10.04 17.89
N VAL B 34 -10.94 11.36 17.65
CA VAL B 34 -10.21 11.95 16.55
C VAL B 34 -9.35 13.06 17.09
N ARG B 35 -8.19 13.27 16.45
CA ARG B 35 -7.31 14.35 16.89
C ARG B 35 -7.74 15.69 16.28
N ASP B 36 -8.42 15.68 15.14
CA ASP B 36 -8.91 16.89 14.47
C ASP B 36 -10.16 16.55 13.69
N SER B 37 -11.27 17.25 13.95
CA SER B 37 -12.58 16.79 13.49
C SER B 37 -12.82 17.04 12.00
N SER B 38 -12.03 17.90 11.35
CA SER B 38 -12.31 18.26 9.97
C SER B 38 -12.00 17.16 8.96
N ARG B 39 -11.37 16.05 9.38
CA ARG B 39 -11.11 14.94 8.47
C ARG B 39 -12.29 13.97 8.38
N LEU B 40 -13.20 14.02 9.32
CA LEU B 40 -14.41 13.24 9.19
C LEU B 40 -15.24 13.81 8.05
N PRO B 41 -15.75 12.98 7.13
CA PRO B 41 -16.57 13.52 6.03
C PRO B 41 -17.80 14.26 6.54
N SER B 42 -18.13 15.36 5.86
CA SER B 42 -19.29 16.16 6.19
C SER B 42 -20.57 15.64 5.54
N GLU B 43 -20.44 14.76 4.55
CA GLU B 43 -21.55 14.10 3.88
C GLU B 43 -21.49 12.60 4.16
N GLY B 44 -22.66 11.95 4.13
CA GLY B 44 -22.73 10.51 4.29
C GLY B 44 -23.12 10.07 5.69
N PRO B 45 -22.51 8.98 6.17
CA PRO B 45 -22.78 8.55 7.56
C PRO B 45 -21.88 9.28 8.54
N ARG B 46 -22.46 9.68 9.65
CA ARG B 46 -21.72 10.39 10.68
C ARG B 46 -21.86 9.68 12.01
N PRO B 47 -20.80 9.66 12.83
CA PRO B 47 -20.90 9.02 14.15
C PRO B 47 -21.84 9.79 15.06
N ALA B 48 -22.34 9.09 16.08
CA ALA B 48 -23.22 9.75 17.05
C ALA B 48 -22.44 10.67 17.99
N HIS B 49 -21.17 10.39 18.24
CA HIS B 49 -20.45 11.12 19.26
C HIS B 49 -19.02 11.29 18.79
N VAL B 50 -18.46 12.46 19.02
CA VAL B 50 -17.08 12.71 18.63
C VAL B 50 -16.32 13.24 19.84
N VAL B 51 -15.24 12.55 20.22
CA VAL B 51 -14.32 13.04 21.23
C VAL B 51 -13.09 13.54 20.48
N VAL B 52 -12.62 14.73 20.81
CA VAL B 52 -11.43 15.29 20.18
C VAL B 52 -10.25 15.09 21.13
N GLY B 53 -9.23 14.38 20.69
CA GLY B 53 -8.14 14.06 21.58
C GLY B 53 -7.25 13.00 20.98
N ASP B 54 -6.41 12.43 21.84
CA ASP B 54 -5.28 11.59 21.43
C ASP B 54 -5.38 10.27 22.17
N VAL B 55 -5.14 9.17 21.46
CA VAL B 55 -5.11 7.88 22.14
C VAL B 55 -3.96 7.81 23.15
N LEU B 56 -2.96 8.69 23.03
CA LEU B 56 -1.86 8.73 23.99
C LEU B 56 -2.25 9.47 25.26
N GLN B 57 -3.41 10.10 25.29
CA GLN B 57 -3.88 10.86 26.44
C GLN B 57 -4.97 10.07 27.13
N ALA B 58 -4.66 9.58 28.33
CA ALA B 58 -5.52 8.63 29.03
C ALA B 58 -6.90 9.22 29.24
N ALA B 59 -6.98 10.53 29.54
CA ALA B 59 -8.30 11.13 29.77
C ALA B 59 -9.16 11.15 28.51
N ASP B 60 -8.55 11.41 27.35
CA ASP B 60 -9.29 11.36 26.09
C ASP B 60 -9.82 9.96 25.83
N VAL B 61 -8.98 8.94 26.04
CA VAL B 61 -9.42 7.55 25.88
C VAL B 61 -10.53 7.24 26.87
N ASP B 62 -10.39 7.69 28.12
CA ASP B 62 -11.43 7.43 29.09
C ASP B 62 -12.78 8.02 28.65
N LYS B 63 -12.77 9.27 28.18
CA LYS B 63 -14.00 9.91 27.69
C LYS B 63 -14.60 9.13 26.52
N THR B 64 -13.75 8.45 25.73
CA THR B 64 -14.24 7.73 24.57
C THR B 64 -14.82 6.36 24.93
N VAL B 65 -14.16 5.65 25.84
CA VAL B 65 -14.55 4.30 26.27
C VAL B 65 -15.73 4.28 27.24
N ALA B 66 -15.98 5.36 28.01
CA ALA B 66 -17.11 5.41 28.95
C ALA B 66 -18.42 5.08 28.28
N GLY B 67 -19.19 4.16 28.89
CA GLY B 67 -20.51 3.85 28.42
C GLY B 67 -20.59 3.00 27.18
N GLN B 68 -19.49 2.41 26.72
CA GLN B 68 -19.51 1.62 25.49
C GLN B 68 -19.76 0.13 25.78
N ASP B 69 -20.26 -0.57 24.75
CA ASP B 69 -20.43 -2.01 24.81
C ASP B 69 -19.20 -2.75 24.32
N ALA B 70 -18.39 -2.14 23.47
CA ALA B 70 -17.25 -2.82 22.86
C ALA B 70 -16.40 -1.75 22.20
N VAL B 71 -15.14 -2.12 21.90
CA VAL B 71 -14.18 -1.22 21.29
C VAL B 71 -13.62 -1.85 20.04
N ILE B 72 -13.51 -1.05 18.98
CA ILE B 72 -12.80 -1.42 17.77
C ILE B 72 -11.56 -0.56 17.67
N VAL B 73 -10.41 -1.19 17.45
CA VAL B 73 -9.13 -0.51 17.33
C VAL B 73 -8.65 -0.68 15.91
N LEU B 74 -8.49 0.44 15.22
CA LEU B 74 -7.92 0.52 13.89
C LEU B 74 -6.87 1.59 13.86
N LEU B 75 -6.10 1.69 14.94
CA LEU B 75 -4.98 2.63 14.97
C LEU B 75 -3.86 2.17 14.07
N GLY B 76 -3.13 3.15 13.54
CA GLY B 76 -1.88 2.88 12.86
C GLY B 76 -1.04 4.13 12.92
N THR B 77 0.24 4.01 12.61
CA THR B 77 1.04 5.22 12.81
C THR B 77 1.53 5.81 11.50
N ARG B 78 0.91 5.41 10.40
CA ARG B 78 0.97 6.04 9.09
CA ARG B 78 0.99 6.10 9.12
C ARG B 78 2.31 5.83 8.41
N ASN B 79 3.39 6.41 8.92
CA ASN B 79 4.65 6.20 8.21
C ASN B 79 5.84 6.13 9.14
N ASP B 80 5.68 5.62 10.36
CA ASP B 80 6.84 5.47 11.22
C ASP B 80 7.72 4.34 10.71
N LEU B 81 9.01 4.62 10.58
CA LEU B 81 10.01 3.71 10.00
C LEU B 81 11.02 3.22 11.02
N SER B 82 10.92 3.67 12.25
CA SER B 82 11.94 3.48 13.28
C SER B 82 11.21 3.38 14.59
N PRO B 83 11.85 2.88 15.66
CA PRO B 83 11.08 2.52 16.86
C PRO B 83 10.02 3.51 17.28
N THR B 84 8.80 2.99 17.51
CA THR B 84 7.62 3.80 17.79
C THR B 84 6.74 3.01 18.75
N THR B 85 6.08 3.72 19.70
CA THR B 85 5.24 3.07 20.69
C THR B 85 3.83 3.63 20.72
N VAL B 86 3.40 4.33 19.66
CA VAL B 86 2.10 4.97 19.74
C VAL B 86 0.99 3.92 19.89
N MET B 87 1.01 2.87 19.06
CA MET B 87 -0.10 1.90 19.11
C MET B 87 -0.13 1.13 20.41
N SER B 88 1.02 0.67 20.91
CA SER B 88 1.01 -0.09 22.15
C SER B 88 0.74 0.80 23.36
N GLU B 89 1.26 2.03 23.36
CA GLU B 89 0.90 2.93 24.46
C GLU B 89 -0.59 3.27 24.41
N GLY B 90 -1.13 3.49 23.21
CA GLY B 90 -2.57 3.70 23.11
C GLY B 90 -3.37 2.48 23.56
N ALA B 91 -2.91 1.28 23.20
CA ALA B 91 -3.56 0.06 23.67
C ALA B 91 -3.56 -0.04 25.18
N ARG B 92 -2.46 0.35 25.82
CA ARG B 92 -2.45 0.37 27.28
C ARG B 92 -3.51 1.30 27.83
N ASN B 93 -3.64 2.51 27.26
CA ASN B 93 -4.68 3.42 27.75
C ASN B 93 -6.07 2.85 27.49
N ILE B 94 -6.25 2.17 26.36
CA ILE B 94 -7.54 1.60 26.04
C ILE B 94 -7.88 0.51 27.06
N VAL B 95 -6.90 -0.36 27.35
CA VAL B 95 -7.12 -1.46 28.29
C VAL B 95 -7.51 -0.89 29.64
N ALA B 96 -6.78 0.12 30.12
CA ALA B 96 -7.07 0.67 31.43
C ALA B 96 -8.47 1.26 31.48
N ALA B 97 -8.89 1.95 30.42
CA ALA B 97 -10.21 2.58 30.44
C ALA B 97 -11.32 1.53 30.33
N MET B 98 -11.10 0.48 29.54
CA MET B 98 -12.09 -0.60 29.47
C MET B 98 -12.27 -1.26 30.83
N LYS B 99 -11.18 -1.47 31.57
CA LYS B 99 -11.29 -1.99 32.94
C LYS B 99 -12.07 -1.03 33.83
N ALA B 100 -11.73 0.26 33.80
CA ALA B 100 -12.37 1.19 34.73
C ALA B 100 -13.86 1.33 34.44
N HIS B 101 -14.29 1.05 33.22
CA HIS B 101 -15.67 1.25 32.80
C HIS B 101 -16.42 -0.06 32.52
N GLY B 102 -15.81 -1.20 32.80
CA GLY B 102 -16.50 -2.47 32.67
C GLY B 102 -16.83 -2.85 31.23
N VAL B 103 -16.00 -2.42 30.29
CA VAL B 103 -16.14 -2.80 28.90
C VAL B 103 -15.26 -4.02 28.67
N ASP B 104 -15.85 -5.10 28.15
CA ASP B 104 -15.12 -6.36 28.16
C ASP B 104 -14.80 -6.92 26.77
N LYS B 105 -15.08 -6.18 25.68
CA LYS B 105 -14.91 -6.73 24.35
C LYS B 105 -14.11 -5.76 23.50
N VAL B 106 -13.00 -6.22 22.92
CA VAL B 106 -12.19 -5.36 22.07
C VAL B 106 -11.77 -6.15 20.83
N VAL B 107 -11.93 -5.54 19.66
CA VAL B 107 -11.59 -6.16 18.40
C VAL B 107 -10.55 -5.23 17.80
N ALA B 108 -9.29 -5.70 17.69
CA ALA B 108 -8.18 -4.84 17.35
C ALA B 108 -7.41 -5.38 16.17
N CYS B 109 -7.03 -4.47 15.29
CA CYS B 109 -6.33 -4.81 14.07
C CYS B 109 -4.83 -4.62 14.27
N THR B 110 -4.07 -5.68 13.98
CA THR B 110 -2.62 -5.50 13.84
C THR B 110 -2.25 -5.84 12.41
N SER B 111 -1.59 -6.98 12.18
CA SER B 111 -1.08 -7.31 10.85
C SER B 111 -0.86 -8.80 10.71
N ALA B 112 -1.03 -9.28 9.48
CA ALA B 112 -0.73 -10.69 9.22
C ALA B 112 0.76 -10.99 9.31
N PHE B 113 1.63 -9.96 9.40
CA PHE B 113 3.05 -10.24 9.66
C PHE B 113 3.25 -10.96 10.98
N LEU B 114 2.31 -10.83 11.92
CA LEU B 114 2.41 -11.57 13.17
C LEU B 114 2.19 -13.05 12.99
N LEU B 115 1.71 -13.48 11.82
CA LEU B 115 1.49 -14.90 11.57
C LEU B 115 2.54 -15.51 10.65
N TRP B 116 3.52 -14.73 10.20
CA TRP B 116 4.56 -15.19 9.29
C TRP B 116 5.91 -15.13 9.98
N ASP B 117 6.90 -15.79 9.37
CA ASP B 117 8.26 -15.69 9.87
C ASP B 117 8.67 -14.22 9.96
N PRO B 118 9.38 -13.80 11.02
CA PRO B 118 9.87 -12.41 11.09
C PRO B 118 10.76 -11.99 9.93
N THR B 119 11.40 -12.93 9.23
CA THR B 119 12.19 -12.52 8.07
C THR B 119 11.32 -12.13 6.88
N LYS B 120 10.01 -12.28 6.95
CA LYS B 120 9.16 -11.77 5.90
C LYS B 120 8.92 -10.27 6.02
N VAL B 121 9.29 -9.65 7.13
CA VAL B 121 8.94 -8.25 7.36
C VAL B 121 9.96 -7.38 6.63
N PRO B 122 9.54 -6.49 5.73
CA PRO B 122 10.48 -5.56 5.12
C PRO B 122 11.16 -4.70 6.18
N PRO B 123 12.47 -4.46 6.02
CA PRO B 123 13.22 -3.69 7.04
C PRO B 123 12.54 -2.45 7.52
N ARG B 124 12.01 -1.62 6.60
CA ARG B 124 11.43 -0.38 7.08
C ARG B 124 10.05 -0.52 7.72
N LEU B 125 9.44 -1.71 7.71
CA LEU B 125 8.25 -2.00 8.47
C LEU B 125 8.54 -2.75 9.77
N GLN B 126 9.79 -2.95 10.13
CA GLN B 126 10.03 -3.73 11.34
C GLN B 126 9.59 -2.98 12.60
N ALA B 127 9.81 -1.67 12.65
CA ALA B 127 9.44 -0.92 13.85
C ALA B 127 7.94 -0.96 14.10
N VAL B 128 7.16 -0.70 13.06
CA VAL B 128 5.72 -0.74 13.24
C VAL B 128 5.30 -2.15 13.62
N THR B 129 5.90 -3.17 12.97
CA THR B 129 5.50 -4.54 13.30
C THR B 129 5.83 -4.86 14.74
N ASP B 130 6.97 -4.37 15.19
CA ASP B 130 7.35 -4.59 16.59
C ASP B 130 6.33 -3.99 17.52
N ASP B 131 5.81 -2.83 17.17
CA ASP B 131 4.84 -2.24 18.06
C ASP B 131 3.50 -2.91 17.94
N HIS B 132 3.17 -3.44 16.76
CA HIS B 132 1.97 -4.29 16.65
C HIS B 132 2.07 -5.45 17.62
N ILE B 133 3.22 -6.10 17.62
CA ILE B 133 3.46 -7.21 18.54
C ILE B 133 3.29 -6.74 19.98
N ARG B 134 3.89 -5.59 20.33
CA ARG B 134 3.69 -5.07 21.69
C ARG B 134 2.21 -4.81 21.98
N MET B 135 1.46 -4.30 21.00
CA MET B 135 0.05 -3.98 21.24
C MET B 135 -0.77 -5.25 21.38
N HIS B 136 -0.45 -6.28 20.57
CA HIS B 136 -1.11 -7.58 20.71
C HIS B 136 -0.88 -8.18 22.08
N LYS B 137 0.37 -8.13 22.57
CA LYS B 137 0.64 -8.70 23.89
C LYS B 137 -0.15 -7.97 24.96
N VAL B 138 -0.11 -6.63 24.93
CA VAL B 138 -0.91 -5.82 25.84
C VAL B 138 -2.37 -6.31 25.87
N LEU B 139 -2.97 -6.46 24.68
CA LEU B 139 -4.37 -6.87 24.65
C LEU B 139 -4.57 -8.31 25.11
N ARG B 140 -3.61 -9.20 24.82
CA ARG B 140 -3.80 -10.59 25.22
C ARG B 140 -3.61 -10.78 26.72
N GLU B 141 -2.72 -10.00 27.32
CA GLU B 141 -2.49 -10.09 28.76
C GLU B 141 -3.52 -9.31 29.57
N SER B 142 -4.43 -8.58 28.92
CA SER B 142 -5.43 -7.80 29.63
C SER B 142 -6.50 -8.65 30.31
N GLY B 143 -6.76 -9.86 29.83
CA GLY B 143 -7.87 -10.66 30.31
C GLY B 143 -9.22 -10.31 29.71
N LEU B 144 -9.32 -9.24 28.91
CA LEU B 144 -10.55 -8.83 28.22
C LEU B 144 -10.86 -9.79 27.08
N LYS B 145 -12.11 -9.80 26.62
CA LYS B 145 -12.47 -10.62 25.46
C LYS B 145 -11.90 -9.96 24.22
N TYR B 146 -10.82 -10.50 23.67
CA TYR B 146 -10.05 -9.84 22.64
C TYR B 146 -10.08 -10.66 21.36
N VAL B 147 -10.53 -10.05 20.26
CA VAL B 147 -10.39 -10.67 18.94
C VAL B 147 -9.22 -10.01 18.22
N ALA B 148 -8.19 -10.80 17.93
CA ALA B 148 -7.00 -10.32 17.24
C ALA B 148 -7.25 -10.45 15.76
N VAL B 149 -7.30 -9.32 15.06
CA VAL B 149 -7.54 -9.28 13.62
C VAL B 149 -6.23 -8.94 12.95
N MET B 150 -5.76 -9.85 12.11
CA MET B 150 -4.41 -9.74 11.54
C MET B 150 -4.51 -9.85 10.03
N PRO B 151 -4.80 -8.74 9.33
CA PRO B 151 -5.14 -8.81 7.89
C PRO B 151 -3.90 -8.84 7.02
N PRO B 152 -4.01 -9.40 5.82
CA PRO B 152 -2.93 -9.24 4.84
C PRO B 152 -3.03 -7.86 4.24
N HIS B 153 -2.55 -7.70 3.00
CA HIS B 153 -2.65 -6.40 2.33
C HIS B 153 -4.09 -5.91 2.31
N ILE B 154 -4.29 -4.62 2.65
CA ILE B 154 -5.62 -3.99 2.64
C ILE B 154 -5.82 -3.29 1.30
N GLY B 155 -6.76 -3.79 0.48
CA GLY B 155 -7.02 -3.24 -0.83
C GLY B 155 -8.24 -2.33 -0.85
N ASP B 156 -8.63 -1.89 -2.05
CA ASP B 156 -9.75 -0.98 -2.22
C ASP B 156 -10.94 -1.62 -2.93
N GLN B 157 -10.95 -2.95 -3.07
CA GLN B 157 -12.02 -3.63 -3.79
C GLN B 157 -13.35 -3.38 -3.08
N PRO B 158 -14.47 -3.47 -3.80
CA PRO B 158 -15.78 -3.19 -3.19
C PRO B 158 -16.11 -4.20 -2.10
N LEU B 159 -17.03 -3.79 -1.22
CA LEU B 159 -17.56 -4.69 -0.20
C LEU B 159 -18.16 -5.93 -0.83
N THR B 160 -17.77 -7.11 -0.33
CA THR B 160 -18.36 -8.37 -0.78
C THR B 160 -18.98 -9.19 0.33
N GLY B 161 -18.44 -9.11 1.55
CA GLY B 161 -18.99 -9.89 2.62
C GLY B 161 -18.84 -11.39 2.48
N ALA B 162 -18.04 -11.86 1.51
CA ALA B 162 -17.92 -13.27 1.21
C ALA B 162 -16.49 -13.79 1.42
N TYR B 163 -15.70 -13.06 2.20
CA TYR B 163 -14.30 -13.39 2.47
C TYR B 163 -14.17 -14.65 3.34
N THR B 164 -12.96 -15.20 3.35
CA THR B 164 -12.54 -16.28 4.22
C THR B 164 -12.07 -15.73 5.57
N VAL B 165 -12.29 -16.49 6.64
CA VAL B 165 -11.74 -16.14 7.95
C VAL B 165 -11.05 -17.37 8.53
N THR B 166 -9.74 -17.28 8.75
CA THR B 166 -8.98 -18.41 9.26
C THR B 166 -8.50 -18.12 10.68
N LEU B 167 -8.85 -19.03 11.60
CA LEU B 167 -8.56 -18.90 13.02
C LEU B 167 -7.15 -19.40 13.33
N ASP B 168 -6.36 -18.58 13.99
CA ASP B 168 -5.05 -18.98 14.51
C ASP B 168 -4.16 -19.50 13.37
N GLY B 169 -4.15 -18.76 12.28
CA GLY B 169 -3.28 -19.11 11.18
C GLY B 169 -3.54 -18.21 10.00
N ARG B 170 -2.68 -18.33 9.01
CA ARG B 170 -2.95 -17.65 7.77
C ARG B 170 -3.72 -18.54 6.79
N GLY B 171 -4.49 -17.89 5.94
CA GLY B 171 -5.40 -18.54 5.02
C GLY B 171 -4.90 -18.48 3.60
N PRO B 172 -5.72 -18.96 2.68
CA PRO B 172 -5.23 -19.16 1.30
C PRO B 172 -5.10 -17.87 0.51
N SER B 173 -6.08 -16.98 0.63
CA SER B 173 -6.02 -15.68 -0.04
C SER B 173 -5.07 -14.73 0.69
N ARG B 174 -4.55 -13.73 -0.05
CA ARG B 174 -3.54 -12.83 0.51
C ARG B 174 -3.91 -11.33 0.37
N VAL B 175 -5.19 -11.00 0.19
CA VAL B 175 -5.67 -9.61 0.19
C VAL B 175 -7.00 -9.57 0.94
N ILE B 176 -7.31 -8.43 1.55
CA ILE B 176 -8.66 -8.18 2.08
C ILE B 176 -9.04 -6.74 1.74
N SER B 177 -10.24 -6.54 1.21
CA SER B 177 -10.69 -5.18 0.96
C SER B 177 -10.82 -4.43 2.29
N LYS B 178 -10.43 -3.14 2.31
CA LYS B 178 -10.74 -2.35 3.49
C LYS B 178 -12.22 -2.44 3.87
N HIS B 179 -13.11 -2.54 2.90
CA HIS B 179 -14.55 -2.63 3.17
C HIS B 179 -14.90 -3.97 3.80
N ASP B 180 -14.38 -5.06 3.24
CA ASP B 180 -14.57 -6.38 3.85
C ASP B 180 -13.92 -6.47 5.21
N LEU B 181 -12.76 -5.80 5.39
CA LEU B 181 -12.13 -5.83 6.71
C LEU B 181 -12.99 -5.10 7.73
N GLY B 182 -13.54 -3.95 7.36
CA GLY B 182 -14.43 -3.26 8.29
C GLY B 182 -15.66 -4.10 8.59
N HIS B 183 -16.18 -4.77 7.57
CA HIS B 183 -17.32 -5.66 7.75
C HIS B 183 -17.02 -6.74 8.79
N PHE B 184 -15.82 -7.33 8.72
CA PHE B 184 -15.47 -8.37 9.70
C PHE B 184 -15.27 -7.77 11.10
N MET B 185 -14.61 -6.61 11.20
CA MET B 185 -14.51 -5.98 12.52
C MET B 185 -15.87 -5.89 13.21
N LEU B 186 -16.93 -5.56 12.44
CA LEU B 186 -18.26 -5.45 13.05
C LEU B 186 -18.89 -6.81 13.27
N ARG B 187 -18.64 -7.75 12.35
CA ARG B 187 -19.13 -9.11 12.55
C ARG B 187 -18.61 -9.69 13.86
N CYS B 188 -17.35 -9.36 14.23
CA CYS B 188 -16.81 -9.81 15.50
C CYS B 188 -17.53 -9.26 16.70
N LEU B 189 -18.40 -8.24 16.52
CA LEU B 189 -19.18 -7.71 17.66
C LEU B 189 -20.40 -8.56 17.95
N THR B 190 -20.81 -9.40 17.01
CA THR B 190 -22.06 -10.13 17.11
C THR B 190 -21.90 -11.56 17.60
N THR B 191 -20.68 -11.98 17.94
CA THR B 191 -20.39 -13.35 18.33
C THR B 191 -19.17 -13.38 19.26
N ASP B 192 -19.07 -14.43 20.09
CA ASP B 192 -17.86 -14.71 20.87
C ASP B 192 -16.97 -15.78 20.22
N GLU B 193 -17.31 -16.19 18.99
CA GLU B 193 -16.64 -17.30 18.33
C GLU B 193 -15.16 -17.04 18.09
N TYR B 194 -14.77 -15.77 17.92
CA TYR B 194 -13.39 -15.40 17.66
C TYR B 194 -12.63 -14.97 18.91
N ASP B 195 -13.34 -14.79 20.02
CA ASP B 195 -12.71 -14.34 21.27
C ASP B 195 -11.53 -15.22 21.62
N GLY B 196 -10.40 -14.59 21.92
CA GLY B 196 -9.23 -15.36 22.30
C GLY B 196 -8.47 -15.94 21.13
N HIS B 197 -8.87 -15.62 19.91
CA HIS B 197 -8.26 -16.17 18.72
C HIS B 197 -7.62 -15.05 17.94
N SER B 198 -6.69 -15.44 17.08
CA SER B 198 -6.19 -14.56 16.04
C SER B 198 -6.97 -14.90 14.77
N THR B 199 -7.33 -13.86 14.01
CA THR B 199 -8.17 -14.01 12.83
C THR B 199 -7.48 -13.40 11.63
N TYR B 200 -7.63 -14.09 10.50
CA TYR B 200 -7.01 -13.68 9.24
C TYR B 200 -8.13 -13.64 8.22
N PRO B 201 -8.60 -12.47 7.82
CA PRO B 201 -9.60 -12.38 6.76
C PRO B 201 -8.93 -12.21 5.41
N SER B 202 -9.49 -12.85 4.39
CA SER B 202 -8.86 -12.82 3.09
C SER B 202 -9.91 -13.27 2.08
N HIS B 203 -9.78 -12.82 0.83
CA HIS B 203 -10.83 -13.12 -0.15
C HIS B 203 -10.29 -13.09 -1.57
N GLN B 204 -11.09 -13.70 -2.48
CA GLN B 204 -10.91 -13.65 -3.93
C GLN B 204 -11.57 -12.40 -4.53
N TYR B 205 -10.78 -11.55 -5.18
CA TYR B 205 -11.31 -10.42 -5.95
C TYR B 205 -10.74 -10.48 -7.37
N GLN B 206 -11.08 -11.54 -8.09
CA GLN B 206 -10.43 -11.84 -9.37
C GLN B 206 -10.39 -10.67 -10.37
PA NAP C . 16.50 -3.45 -12.10
O1A NAP C . 16.22 -4.20 -10.85
O2A NAP C . 17.58 -3.96 -13.11
O5B NAP C . 16.93 -1.96 -11.77
C5B NAP C . 16.36 -1.36 -10.60
C4B NAP C . 16.64 0.15 -10.71
O4B NAP C . 16.06 0.79 -9.58
C3B NAP C . 18.15 0.52 -10.74
O3B NAP C . 18.34 1.65 -11.52
C2B NAP C . 18.29 0.80 -9.25
O2B NAP C . 19.47 1.61 -8.94
C1B NAP C . 17.18 1.56 -8.92
N9A NAP C . 16.91 1.62 -7.51
C8A NAP C . 16.76 0.65 -6.61
N7A NAP C . 16.73 1.18 -5.36
C5A NAP C . 16.82 2.53 -5.55
C6A NAP C . 16.84 3.55 -4.59
N6A NAP C . 16.72 3.41 -3.22
N1A NAP C . 16.91 4.83 -4.98
C2A NAP C . 17.04 5.17 -6.33
N3A NAP C . 17.03 4.15 -7.26
C4A NAP C . 16.92 2.84 -6.86
O3 NAP C . 15.13 -3.26 -12.95
PN NAP C . 14.49 -4.12 -14.15
O1N NAP C . 15.15 -5.46 -14.21
O2N NAP C . 14.48 -3.27 -15.35
O5D NAP C . 12.99 -4.31 -13.57
C5D NAP C . 12.10 -3.19 -13.61
C4D NAP C . 10.86 -3.64 -12.82
O4D NAP C . 10.29 -4.71 -13.47
C3D NAP C . 11.21 -4.09 -11.38
O3D NAP C . 10.37 -3.53 -10.40
C2D NAP C . 11.03 -5.63 -11.49
O2D NAP C . 10.59 -6.18 -10.21
C1D NAP C . 9.94 -5.75 -12.35
N1N NAP C . 9.77 -7.01 -13.13
C2N NAP C . 10.89 -7.69 -13.51
C3N NAP C . 10.66 -8.83 -14.30
C7N NAP C . 11.87 -9.59 -14.74
O7N NAP C . 13.01 -9.32 -14.41
N7N NAP C . 11.52 -10.66 -15.59
C4N NAP C . 9.41 -9.19 -14.64
C5N NAP C . 8.30 -8.50 -14.27
C6N NAP C . 8.49 -7.35 -13.47
P2B NAP C . 21.01 1.01 -8.64
O1X NAP C . 21.78 1.03 -9.99
O2X NAP C . 21.60 1.99 -7.73
O3X NAP C . 20.84 -0.40 -8.19
C11 JBL D . 9.07 -12.28 -12.76
C12 JBL D . 9.88 -11.31 -11.94
C13 JBL D . 11.24 -11.38 -11.88
C14 JBL D . 11.99 -10.48 -11.16
C15 JBL D . 11.38 -9.45 -10.45
C16 JBL D . 10.00 -9.41 -10.50
C17 JBL D . 9.26 -10.28 -11.25
C02 JBL D . 2.80 -13.83 -17.04
C03 JBL D . 4.08 -13.63 -16.26
C04 JBL D . 5.28 -14.14 -16.75
C05 JBL D . 6.44 -13.97 -16.02
C06 JBL D . 6.36 -13.27 -14.82
C07 JBL D . 5.14 -12.77 -14.34
C08 JBL D . 4.00 -12.91 -15.05
C20 JBL D . 8.40 -14.08 -13.70
C21 JBL D . 8.37 -15.56 -14.10
C22 JBL D . 7.26 -16.28 -13.74
C23 JBL D . 7.15 -17.64 -14.07
C24 JBL D . 8.18 -18.24 -14.76
C25 JBL D . 9.29 -17.50 -15.17
C26 JBL D . 9.40 -16.15 -14.83
N09 JBL D . 7.55 -13.13 -14.00
N10 JBL D . 7.98 -11.99 -13.43
N19 JBL D . 9.38 -13.57 -12.94
O01 JBL D . 2.86 -14.69 -17.98
O18 JBL D . 7.90 -10.09 -11.24
O27 JBL D . 10.53 -15.44 -15.22
O28 JBL D . 1.75 -13.24 -16.72
S SO4 E . 9.10 4.01 -33.31
O1 SO4 E . 10.28 4.67 -33.83
O2 SO4 E . 8.54 4.85 -32.24
O3 SO4 E . 8.10 3.84 -34.36
O4 SO4 E . 9.45 2.70 -32.76
PA NAP F . -4.46 4.48 8.64
O1A NAP F . -2.90 4.69 8.66
O2A NAP F . -5.17 4.89 7.31
O5B NAP F . -5.07 5.39 9.89
C5B NAP F . -4.57 5.14 11.19
C4B NAP F . -5.60 5.66 12.23
O4B NAP F . -5.03 5.72 13.43
C3B NAP F . -6.01 7.12 11.85
O3B NAP F . -7.31 7.39 12.19
C2B NAP F . -5.06 7.93 12.74
O2B NAP F . -5.64 9.25 13.06
C1B NAP F . -5.12 7.25 13.88
N9A NAP F . -4.04 7.62 14.75
C8A NAP F . -2.71 7.59 14.59
N7A NAP F . -2.12 8.05 15.72
C5A NAP F . -3.11 8.35 16.59
C6A NAP F . -3.05 8.86 17.88
N6A NAP F . -1.95 9.20 18.68
N1A NAP F . -4.18 9.09 18.57
C2A NAP F . -5.39 8.84 18.01
N3A NAP F . -5.46 8.35 16.73
C4A NAP F . -4.31 8.10 16.02
O3 NAP F . -4.80 2.92 9.10
PN NAP F . -5.04 1.61 8.13
O1N NAP F . -4.24 1.79 6.86
O2N NAP F . -6.52 1.37 7.94
O5D NAP F . -4.38 0.50 9.16
C5D NAP F . -5.12 -0.12 10.19
C4D NAP F . -4.13 -1.08 10.89
O4D NAP F . -3.89 -2.15 10.11
C3D NAP F . -2.78 -0.38 11.06
O3D NAP F . -2.27 -0.68 12.28
C2D NAP F . -1.89 -0.98 9.90
O2D NAP F . -0.48 -0.87 10.24
C1D NAP F . -2.29 -2.23 9.82
N1N NAP F . -2.13 -2.89 8.53
C2N NAP F . -2.10 -2.24 7.35
C3N NAP F . -1.97 -3.03 6.17
C7N NAP F . -1.93 -2.40 4.82
O7N NAP F . -2.06 -3.13 3.86
N7N NAP F . -1.79 -0.94 4.70
C4N NAP F . -1.91 -4.38 6.20
C5N NAP F . -1.96 -5.03 7.37
C6N NAP F . -2.07 -4.26 8.54
P2B NAP F . -5.30 10.59 12.17
O1X NAP F . -5.50 11.73 13.15
O2X NAP F . -6.20 10.70 10.96
O3X NAP F . -3.82 10.51 11.72
#